data_5I0M
#
_entry.id   5I0M
#
_cell.length_a   148.960
_cell.length_b   78.267
_cell.length_c   52.368
_cell.angle_alpha   90.000
_cell.angle_beta   90.000
_cell.angle_gamma   90.000
#
_symmetry.space_group_name_H-M   'P 21 21 2'
#
loop_
_entity.id
_entity.type
_entity.pdbx_description
1 polymer DR2231
2 non-polymer "2'-DEOXYURIDINE 5'-MONOPHOSPHATE"
3 water water
#
_entity_poly.entity_id   1
_entity_poly.type   'polypeptide(L)'
_entity_poly.pdbx_seq_one_letter_code
;PPTNAERLHEFHRAIGAATPERPTPPPPELLRLRQTLLDEESAEVRAEIDHLLARQAAGEALSAGDLAPLAHALADLLYV
TYGALDQLGIDADAVFAEVHRANLSKASGPRRADGKQLKPEGWRPADVRGVIERLQHA
;
_entity_poly.pdbx_strand_id   A,B,C,D
#
loop_
_chem_comp.id
_chem_comp.type
_chem_comp.name
_chem_comp.formula
UMP non-polymer '2'-DEOXYURIDINE 5'-MONOPHOSPHATE' 'C9 H13 N2 O8 P'
#
# COMPACT_ATOMS: atom_id res chain seq x y z
N PRO A 1 20.05 -18.93 24.42
CA PRO A 1 19.29 -17.79 24.94
C PRO A 1 18.09 -17.45 24.05
N PRO A 2 16.89 -17.46 24.62
CA PRO A 2 15.69 -17.24 23.80
C PRO A 2 15.67 -15.83 23.23
N THR A 3 15.21 -15.73 21.98
CA THR A 3 14.98 -14.42 21.39
C THR A 3 13.66 -13.86 21.90
N ASN A 4 13.38 -12.61 21.54
CA ASN A 4 12.16 -11.99 22.00
C ASN A 4 10.93 -12.58 21.32
N ALA A 5 11.06 -13.01 20.06
CA ALA A 5 9.95 -13.72 19.42
C ALA A 5 9.64 -15.01 20.17
N GLU A 6 10.68 -15.76 20.55
CA GLU A 6 10.48 -17.01 21.29
C GLU A 6 9.85 -16.75 22.66
N ARG A 7 10.21 -15.64 23.30
CA ARG A 7 9.54 -15.26 24.55
C ARG A 7 8.04 -15.06 24.33
N LEU A 8 7.64 -14.42 23.23
CA LEU A 8 6.22 -14.24 22.99
C LEU A 8 5.53 -15.60 22.85
N HIS A 9 6.20 -16.54 22.16
CA HIS A 9 5.66 -17.89 22.05
C HIS A 9 5.45 -18.49 23.44
N GLU A 10 6.48 -18.42 24.29
CA GLU A 10 6.36 -18.91 25.65
C GLU A 10 5.18 -18.24 26.37
N PHE A 11 5.06 -16.91 26.26
CA PHE A 11 3.95 -16.22 26.90
C PHE A 11 2.60 -16.73 26.41
N HIS A 12 2.48 -17.01 25.11
CA HIS A 12 1.19 -17.47 24.58
C HIS A 12 0.88 -18.90 25.02
N ARG A 13 1.91 -19.75 25.11
CA ARG A 13 1.71 -21.06 25.73
C ARG A 13 1.25 -20.93 27.18
N ALA A 14 1.83 -19.99 27.93
CA ALA A 14 1.49 -19.88 29.35
C ALA A 14 0.05 -19.45 29.56
N ILE A 15 -0.52 -18.64 28.67
CA ILE A 15 -1.86 -18.08 28.88
C ILE A 15 -2.95 -18.87 28.16
N GLY A 16 -2.60 -19.89 27.39
CA GLY A 16 -3.58 -20.66 26.65
C GLY A 16 -4.01 -20.08 25.31
N ALA A 17 -3.11 -19.41 24.59
CA ALA A 17 -3.42 -18.94 23.25
C ALA A 17 -2.53 -19.63 22.23
N THR A 19 -0.75 -21.16 19.78
CA THR A 19 -0.55 -20.38 18.57
C THR A 19 0.23 -21.18 17.51
N PRO A 20 -0.13 -20.97 16.23
CA PRO A 20 0.30 -21.91 15.18
C PRO A 20 1.80 -21.97 15.01
N GLU A 21 2.26 -23.10 14.48
CA GLU A 21 3.67 -23.32 14.21
C GLU A 21 4.12 -22.77 12.86
N ARG A 22 3.19 -22.60 11.93
CA ARG A 22 3.44 -22.17 10.56
C ARG A 22 2.46 -21.07 10.24
N PRO A 23 2.71 -20.28 9.20
CA PRO A 23 1.85 -19.13 8.90
C PRO A 23 0.41 -19.55 8.63
N THR A 24 -0.51 -18.92 9.34
CA THR A 24 -1.91 -19.33 9.34
C THR A 24 -2.80 -18.11 9.25
N PRO A 25 -3.56 -17.94 8.15
CA PRO A 25 -4.52 -16.82 8.08
C PRO A 25 -5.44 -16.80 9.28
N PRO A 26 -5.60 -15.65 9.93
CA PRO A 26 -6.32 -15.61 11.18
C PRO A 26 -7.79 -15.28 10.95
N PRO A 27 -8.62 -15.48 11.96
CA PRO A 27 -9.99 -15.01 11.86
C PRO A 27 -10.03 -13.49 11.89
N PRO A 28 -11.04 -12.87 11.28
CA PRO A 28 -11.10 -11.40 11.30
C PRO A 28 -11.08 -10.81 12.71
N GLU A 29 -11.83 -11.41 13.65
CA GLU A 29 -11.87 -10.88 15.01
C GLU A 29 -10.47 -10.75 15.59
N LEU A 30 -9.63 -11.76 15.34
CA LEU A 30 -8.26 -11.75 15.84
C LEU A 30 -7.47 -10.60 15.24
N LEU A 31 -7.65 -10.33 13.93
CA LEU A 31 -6.99 -9.17 13.33
C LEU A 31 -7.41 -7.89 14.01
N ARG A 32 -8.72 -7.68 14.17
CA ARG A 32 -9.21 -6.46 14.80
C ARG A 32 -8.64 -6.32 16.20
N LEU A 33 -8.46 -7.45 16.90
CA LEU A 33 -7.90 -7.43 18.24
C LEU A 33 -6.46 -6.95 18.22
N ARG A 34 -5.64 -7.56 17.36
CA ARG A 34 -4.24 -7.17 17.27
C ARG A 34 -4.10 -5.70 16.89
N GLN A 35 -4.95 -5.22 15.96
CA GLN A 35 -4.91 -3.79 15.63
C GLN A 35 -5.19 -2.93 16.85
N THR A 36 -6.19 -3.31 17.65
CA THR A 36 -6.52 -2.56 18.85
C THR A 36 -5.34 -2.51 19.81
N LEU A 37 -4.69 -3.65 20.03
CA LEU A 37 -3.54 -3.68 20.92
C LEU A 37 -2.39 -2.87 20.36
N LEU A 38 -2.17 -2.94 19.05
CA LEU A 38 -1.16 -2.10 18.43
C LEU A 38 -1.51 -0.62 18.59
N ASP A 39 -2.79 -0.29 18.47
CA ASP A 39 -3.16 1.11 18.56
C ASP A 39 -3.02 1.65 19.97
N GLU A 40 -3.24 0.81 20.99
CA GLU A 40 -3.15 1.31 22.36
C GLU A 40 -1.69 1.56 22.77
N GLU A 41 -0.78 0.64 22.43
CA GLU A 41 0.63 0.80 22.79
C GLU A 41 1.32 1.86 21.94
N SER A 42 0.91 2.03 20.69
CA SER A 42 1.45 3.12 19.87
C SER A 42 1.09 4.48 20.48
N ALA A 43 -0.18 4.65 20.86
CA ALA A 43 -0.64 5.91 21.45
C ALA A 43 0.12 6.25 22.73
N GLU A 44 0.39 5.24 23.55
CA GLU A 44 1.24 5.48 24.72
C GLU A 44 2.61 5.98 24.31
N VAL A 45 3.20 5.38 23.27
CA VAL A 45 4.53 5.80 22.83
C VAL A 45 4.48 7.24 22.30
N ARG A 46 3.49 7.52 21.44
CA ARG A 46 3.31 8.86 20.88
C ARG A 46 3.18 9.92 21.97
N ALA A 47 2.35 9.65 22.98
CA ALA A 47 2.12 10.64 24.03
C ALA A 47 3.37 10.83 24.90
N GLU A 48 4.11 9.76 25.14
CA GLU A 48 5.32 9.89 25.95
C GLU A 48 6.39 10.71 25.22
N ILE A 49 6.55 10.53 23.91
CA ILE A 49 7.52 11.33 23.17
C ILE A 49 7.06 12.78 23.14
N ASP A 50 5.78 13.02 22.85
CA ASP A 50 5.20 14.35 22.96
C ASP A 50 5.40 14.93 24.35
N HIS A 51 5.29 14.07 25.37
CA HIS A 51 5.56 14.49 26.74
C HIS A 51 6.99 15.02 26.87
N LEU A 52 7.98 14.22 26.45
CA LEU A 52 9.37 14.63 26.59
C LEU A 52 9.69 15.84 25.72
N LEU A 53 9.15 15.89 24.49
CA LEU A 53 9.38 17.05 23.64
C LEU A 53 8.86 18.33 24.30
N ALA A 54 7.73 18.27 24.99
CA ALA A 54 7.23 19.47 25.66
C ALA A 54 8.17 19.92 26.78
N ARG A 55 8.71 18.96 27.55
CA ARG A 55 9.61 19.32 28.63
C ARG A 55 10.87 20.01 28.11
N GLN A 56 11.42 19.50 27.00
CA GLN A 56 12.60 20.13 26.40
C GLN A 56 12.28 21.52 25.88
N ALA A 57 11.11 21.67 25.21
CA ALA A 57 10.67 22.98 24.74
C ALA A 57 10.52 23.99 25.88
N ALA A 58 10.31 23.51 27.11
CA ALA A 58 10.29 24.35 28.29
C ALA A 58 11.70 24.68 28.81
N GLY A 59 12.74 24.06 28.26
CA GLY A 59 14.09 24.32 28.70
C GLY A 59 14.66 23.26 29.62
N GLU A 60 13.94 22.17 29.87
CA GLU A 60 14.44 21.14 30.78
C GLU A 60 15.49 20.28 30.09
N ALA A 61 16.58 20.02 30.79
CA ALA A 61 17.61 19.10 30.32
C ALA A 61 17.26 17.72 30.86
N LEU A 62 16.88 16.81 29.98
CA LEU A 62 16.41 15.50 30.41
C LEU A 62 17.58 14.68 30.95
N SER A 63 17.27 13.77 31.86
CA SER A 63 18.22 12.78 32.35
C SER A 63 17.90 11.42 31.75
N ALA A 64 18.86 10.49 31.89
CA ALA A 64 18.65 9.12 31.45
C ALA A 64 17.49 8.47 32.20
N GLY A 65 17.38 8.76 33.50
CA GLY A 65 16.28 8.23 34.28
C GLY A 65 14.93 8.64 33.72
N ASP A 66 14.84 9.87 33.19
CA ASP A 66 13.61 10.35 32.57
C ASP A 66 13.17 9.53 31.36
N LEU A 67 14.05 8.67 30.84
CA LEU A 67 13.75 7.87 29.65
C LEU A 67 13.01 6.58 29.97
N ALA A 68 12.82 6.27 31.26
CA ALA A 68 12.23 4.98 31.62
C ALA A 68 10.79 4.79 31.15
N PRO A 69 9.88 5.76 31.25
CA PRO A 69 8.52 5.50 30.72
C PRO A 69 8.51 5.32 29.20
N LEU A 70 9.37 6.05 28.47
CA LEU A 70 9.49 5.83 27.02
C LEU A 70 10.02 4.44 26.74
N ALA A 71 11.12 4.05 27.39
CA ALA A 71 11.65 2.71 27.19
C ALA A 71 10.61 1.62 27.51
N HIS A 72 9.84 1.82 28.57
CA HIS A 72 8.78 0.87 28.93
C HIS A 72 7.71 0.81 27.83
N ALA A 73 7.21 1.97 27.41
CA ALA A 73 6.20 2.01 26.35
C ALA A 73 6.70 1.35 25.07
N LEU A 74 7.97 1.60 24.72
CA LEU A 74 8.56 1.00 23.51
C LEU A 74 8.60 -0.53 23.63
N ALA A 75 9.04 -1.04 24.77
CA ALA A 75 9.06 -2.49 24.96
C ALA A 75 7.65 -3.10 24.94
N ASP A 76 6.66 -2.40 25.52
CA ASP A 76 5.29 -2.92 25.41
C ASP A 76 4.85 -2.98 23.95
N LEU A 77 5.30 -2.03 23.13
CA LEU A 77 4.96 -2.03 21.71
C LEU A 77 5.62 -3.19 20.97
N LEU A 78 6.90 -3.45 21.25
CA LEU A 78 7.54 -4.67 20.78
C LEU A 78 6.73 -5.91 21.17
N TYR A 79 6.25 -5.94 22.41
CA TYR A 79 5.57 -7.13 22.93
C TYR A 79 4.32 -7.44 22.12
N VAL A 80 3.49 -6.42 21.86
CA VAL A 80 2.27 -6.68 21.13
C VAL A 80 2.51 -6.80 19.63
N THR A 81 3.64 -6.30 19.14
CA THR A 81 3.97 -6.46 17.73
C THR A 81 4.54 -7.86 17.48
N TYR A 82 5.43 -8.32 18.34
CA TYR A 82 5.84 -9.71 18.34
C TYR A 82 4.64 -10.62 18.54
N GLY A 83 3.73 -10.24 19.44
CA GLY A 83 2.54 -11.05 19.68
C GLY A 83 1.68 -11.21 18.44
N ALA A 84 1.55 -10.14 17.64
CA ALA A 84 0.82 -10.23 16.38
C ALA A 84 1.43 -11.27 15.46
N LEU A 85 2.75 -11.20 15.25
CA LEU A 85 3.38 -12.14 14.32
C LEU A 85 3.27 -13.57 14.81
N ASP A 86 3.38 -13.76 16.12
CA ASP A 86 3.33 -15.10 16.68
C ASP A 86 1.93 -15.71 16.55
N GLN A 87 0.89 -14.91 16.76
CA GLN A 87 -0.46 -15.40 16.58
C GLN A 87 -0.79 -15.66 15.12
N LEU A 88 -0.07 -15.04 14.21
CA LEU A 88 -0.20 -15.39 12.80
C LEU A 88 0.58 -16.65 12.45
N GLY A 89 1.28 -17.25 13.41
CA GLY A 89 2.14 -18.38 13.08
C GLY A 89 3.37 -18.04 12.30
N ILE A 90 3.80 -16.77 12.33
CA ILE A 90 4.91 -16.29 11.50
C ILE A 90 6.12 -16.03 12.40
N ASP A 91 7.21 -16.72 12.12
CA ASP A 91 8.49 -16.55 12.80
C ASP A 91 9.04 -15.13 12.62
N ALA A 92 8.93 -14.30 13.66
CA ALA A 92 9.34 -12.91 13.51
C ALA A 92 10.82 -12.80 13.15
N ASP A 93 11.66 -13.68 13.71
CA ASP A 93 13.10 -13.55 13.50
C ASP A 93 13.47 -13.82 12.04
N ALA A 94 12.84 -14.82 11.42
CA ALA A 94 13.08 -15.05 10.00
C ALA A 94 12.69 -13.82 9.17
N VAL A 95 11.52 -13.26 9.41
CA VAL A 95 11.09 -12.07 8.68
C VAL A 95 12.05 -10.89 8.95
N PHE A 96 12.38 -10.68 10.22
CA PHE A 96 13.24 -9.55 10.60
C PHE A 96 14.62 -9.63 9.95
N ALA A 97 15.22 -10.82 9.93
CA ALA A 97 16.53 -11.00 9.33
C ALA A 97 16.52 -10.61 7.84
N GLU A 98 15.42 -10.91 7.16
CA GLU A 98 15.28 -10.52 5.75
C GLU A 98 15.07 -9.02 5.61
N VAL A 99 14.23 -8.42 6.47
CA VAL A 99 14.08 -6.96 6.47
C VAL A 99 15.42 -6.30 6.79
N HIS A 100 16.18 -6.87 7.73
CA HIS A 100 17.44 -6.26 8.16
C HIS A 100 18.45 -6.19 7.01
N ARG A 101 18.60 -7.31 6.28
CA ARG A 101 19.59 -7.36 5.21
C ARG A 101 19.32 -6.30 4.14
N ALA A 102 18.06 -6.06 3.86
CA ALA A 102 17.69 -5.05 2.89
C ALA A 102 17.71 -3.64 3.47
N ASN A 103 17.80 -3.50 4.80
CA ASN A 103 18.03 -2.16 5.32
C ASN A 103 19.53 -1.84 5.37
N LEU A 104 20.38 -2.82 5.67
CA LEU A 104 21.82 -2.62 5.57
C LEU A 104 22.20 -2.18 4.16
N SER A 105 21.52 -2.72 3.15
CA SER A 105 21.91 -2.36 1.79
C SER A 105 21.56 -0.92 1.42
N LYS A 106 20.87 -0.15 2.29
CA LYS A 106 20.56 1.24 2.03
C LYS A 106 21.69 2.20 2.40
N ALA A 107 22.80 1.70 2.94
CA ALA A 107 23.78 2.58 3.60
C ALA A 107 24.27 3.70 2.69
N SER A 108 24.34 3.45 1.37
CA SER A 108 24.84 4.47 0.44
C SER A 108 23.78 5.46 -0.02
N GLY A 109 22.53 5.29 0.38
CA GLY A 109 21.50 6.20 -0.07
C GLY A 109 21.57 7.56 0.60
N PRO A 110 20.81 8.53 0.08
CA PRO A 110 20.77 9.86 0.70
C PRO A 110 19.97 9.83 2.00
N ARG A 111 20.04 10.94 2.72
CA ARG A 111 19.33 11.10 3.98
C ARG A 111 18.32 12.23 3.88
N ARG A 112 17.15 12.00 4.47
CA ARG A 112 16.11 13.00 4.56
C ARG A 112 16.49 14.05 5.61
N ALA A 113 15.87 15.22 5.51
CA ALA A 113 16.25 16.31 6.40
C ALA A 113 16.12 15.93 7.88
N ASP A 114 15.14 15.08 8.24
CA ASP A 114 14.95 14.72 9.63
C ASP A 114 15.84 13.55 10.02
N GLY A 115 16.65 13.06 9.10
CA GLY A 115 17.59 12.00 9.39
C GLY A 115 17.18 10.63 8.91
N LYS A 116 15.99 10.47 8.35
CA LYS A 116 15.60 9.16 7.81
C LYS A 116 16.53 8.77 6.68
N GLN A 117 17.07 7.56 6.79
CA GLN A 117 17.84 6.95 5.71
C GLN A 117 16.90 6.61 4.55
N LEU A 118 17.29 7.00 3.34
CA LEU A 118 16.50 6.73 2.14
C LEU A 118 17.23 5.73 1.26
N LYS A 119 16.55 5.32 0.20
CA LYS A 119 17.07 4.18 -0.55
C LYS A 119 17.98 4.64 -1.68
N PRO A 120 19.10 3.96 -1.89
CA PRO A 120 19.96 4.32 -3.01
C PRO A 120 19.38 3.84 -4.33
N GLU A 121 19.91 4.41 -5.39
CA GLU A 121 19.57 4.01 -6.75
C GLU A 121 19.82 2.52 -6.94
N GLY A 122 18.85 1.82 -7.52
CA GLY A 122 18.99 0.40 -7.73
C GLY A 122 18.72 -0.47 -6.54
N TRP A 123 18.31 0.09 -5.40
CA TRP A 123 18.03 -0.70 -4.21
C TRP A 123 16.90 -1.70 -4.48
N ARG A 124 16.97 -2.87 -3.85
CA ARG A 124 15.86 -3.83 -3.96
C ARG A 124 15.36 -4.27 -2.59
N PRO A 125 14.05 -4.46 -2.46
CA PRO A 125 13.46 -4.71 -1.14
C PRO A 125 13.63 -6.14 -0.68
N ALA A 126 13.34 -6.35 0.61
CA ALA A 126 13.33 -7.68 1.17
C ALA A 126 12.24 -8.53 0.53
N ASP A 127 12.52 -9.84 0.40
CA ASP A 127 11.57 -10.77 -0.18
C ASP A 127 10.86 -11.50 0.97
N VAL A 128 9.91 -10.80 1.57
CA VAL A 128 9.22 -11.39 2.71
C VAL A 128 8.26 -12.49 2.25
N ARG A 129 7.74 -12.38 1.03
CA ARG A 129 6.95 -13.47 0.46
C ARG A 129 7.73 -14.76 0.46
N GLY A 130 9.00 -14.71 0.04
CA GLY A 130 9.84 -15.89 0.07
C GLY A 130 10.09 -16.41 1.47
N VAL A 131 10.17 -15.51 2.46
CA VAL A 131 10.31 -15.98 3.84
C VAL A 131 9.07 -16.75 4.27
N ILE A 132 7.89 -16.20 3.99
CA ILE A 132 6.64 -16.87 4.35
C ILE A 132 6.59 -18.25 3.71
N GLU A 133 6.89 -18.33 2.41
CA GLU A 133 6.87 -19.61 1.70
C GLU A 133 7.85 -20.61 2.32
N ARG A 134 9.03 -20.14 2.71
CA ARG A 134 9.95 -20.99 3.45
C ARG A 134 9.34 -21.45 4.77
N LEU A 135 8.66 -20.55 5.48
CA LEU A 135 8.07 -20.92 6.76
C LEU A 135 6.87 -21.84 6.56
N GLN A 136 6.12 -21.62 5.49
CA GLN A 136 4.92 -22.39 5.19
C GLN A 136 5.25 -23.82 4.79
N HIS A 137 6.49 -24.10 4.35
CA HIS A 137 6.77 -25.33 3.63
C HIS A 137 7.91 -26.15 4.22
N ALA A 138 8.37 -25.87 5.43
CA ALA A 138 9.29 -26.77 6.13
C ALA A 138 10.49 -27.21 5.28
N PRO B 1 -2.47 3.96 -35.88
CA PRO B 1 -3.65 4.62 -35.30
C PRO B 1 -3.38 5.08 -33.87
N PRO B 2 -3.82 6.29 -33.51
CA PRO B 2 -3.47 6.83 -32.20
C PRO B 2 -4.25 6.17 -31.07
N THR B 3 -3.53 5.78 -30.02
CA THR B 3 -4.15 5.24 -28.82
C THR B 3 -4.80 6.37 -28.02
N ASN B 4 -5.57 6.00 -26.99
CA ASN B 4 -6.22 7.02 -26.17
C ASN B 4 -5.20 7.76 -25.31
N ALA B 5 -4.10 7.12 -24.93
CA ALA B 5 -3.04 7.82 -24.20
C ALA B 5 -2.43 8.92 -25.07
N GLU B 6 -2.26 8.65 -26.37
CA GLU B 6 -1.70 9.66 -27.26
C GLU B 6 -2.68 10.80 -27.48
N ARG B 7 -3.99 10.50 -27.43
CA ARG B 7 -4.98 11.57 -27.53
C ARG B 7 -4.85 12.53 -26.36
N LEU B 8 -4.57 12.02 -25.15
CA LEU B 8 -4.38 12.91 -24.02
C LEU B 8 -3.19 13.84 -24.23
N HIS B 9 -2.10 13.29 -24.81
CA HIS B 9 -0.94 14.11 -25.13
C HIS B 9 -1.31 15.21 -26.13
N GLU B 10 -2.13 14.86 -27.13
CA GLU B 10 -2.60 15.83 -28.11
C GLU B 10 -3.45 16.91 -27.45
N PHE B 11 -4.28 16.52 -26.48
CA PHE B 11 -5.17 17.47 -25.84
C PHE B 11 -4.40 18.42 -24.94
N HIS B 12 -3.40 17.90 -24.23
CA HIS B 12 -2.55 18.74 -23.38
C HIS B 12 -1.75 19.74 -24.23
N ARG B 13 -1.18 19.29 -25.35
CA ARG B 13 -0.57 20.21 -26.30
C ARG B 13 -1.54 21.33 -26.69
N ALA B 14 -2.74 20.95 -27.14
CA ALA B 14 -3.70 21.93 -27.62
C ALA B 14 -3.99 23.01 -26.58
N ILE B 15 -4.08 22.63 -25.30
CA ILE B 15 -4.43 23.60 -24.26
C ILE B 15 -3.19 24.27 -23.64
N GLY B 16 -1.99 23.97 -24.14
CA GLY B 16 -0.79 24.57 -23.59
C GLY B 16 -0.45 24.11 -22.19
N ALA B 17 -0.27 22.81 -22.03
CA ALA B 17 0.05 22.22 -20.74
C ALA B 17 0.88 20.97 -20.96
N THR B 19 3.47 18.65 -21.65
CA THR B 19 3.73 17.60 -20.67
C THR B 19 4.94 16.76 -21.08
N PRO B 20 5.68 16.24 -20.10
CA PRO B 20 6.98 15.66 -20.38
C PRO B 20 6.91 14.44 -21.28
N GLU B 21 7.99 14.20 -22.02
CA GLU B 21 8.10 13.03 -22.87
C GLU B 21 8.56 11.80 -22.08
N ARG B 22 9.19 12.01 -20.94
CA ARG B 22 9.74 10.95 -20.12
C ARG B 22 9.20 11.07 -18.70
N PRO B 23 9.31 10.02 -17.89
CA PRO B 23 8.75 10.08 -16.53
C PRO B 23 9.40 11.17 -15.70
N THR B 24 8.57 11.95 -15.03
CA THR B 24 8.98 13.21 -14.44
C THR B 24 8.25 13.45 -13.14
N PRO B 25 8.95 13.45 -12.01
CA PRO B 25 8.30 13.68 -10.73
C PRO B 25 7.57 15.02 -10.71
N PRO B 26 6.34 15.03 -10.25
CA PRO B 26 5.52 16.23 -10.36
C PRO B 26 5.58 17.07 -9.10
N PRO B 27 5.22 18.34 -9.18
CA PRO B 27 5.04 19.14 -7.97
C PRO B 27 3.87 18.61 -7.16
N PRO B 28 3.81 18.92 -5.86
CA PRO B 28 2.65 18.47 -5.07
C PRO B 28 1.32 19.00 -5.58
N GLU B 29 1.26 20.27 -6.02
CA GLU B 29 0.02 20.83 -6.56
C GLU B 29 -0.50 19.98 -7.71
N LEU B 30 0.38 19.41 -8.51
CA LEU B 30 -0.08 18.60 -9.64
C LEU B 30 -0.66 17.28 -9.16
N LEU B 31 -0.12 16.70 -8.10
CA LEU B 31 -0.72 15.49 -7.54
C LEU B 31 -2.10 15.79 -6.96
N ARG B 32 -2.20 16.88 -6.19
CA ARG B 32 -3.49 17.19 -5.56
C ARG B 32 -4.54 17.54 -6.59
N LEU B 33 -4.13 18.18 -7.67
CA LEU B 33 -5.06 18.50 -8.74
C LEU B 33 -5.53 17.25 -9.46
N ARG B 34 -4.60 16.35 -9.83
CA ARG B 34 -5.01 15.11 -10.47
C ARG B 34 -5.97 14.34 -9.58
N GLN B 35 -5.65 14.24 -8.28
CA GLN B 35 -6.53 13.53 -7.35
C GLN B 35 -7.94 14.10 -7.38
N THR B 36 -8.06 15.44 -7.40
CA THR B 36 -9.37 16.07 -7.41
C THR B 36 -10.17 15.71 -8.67
N LEU B 37 -9.53 15.73 -9.83
CA LEU B 37 -10.24 15.38 -11.05
C LEU B 37 -10.70 13.92 -11.01
N LEU B 38 -9.90 13.04 -10.40
CA LEU B 38 -10.27 11.63 -10.33
C LEU B 38 -11.48 11.43 -9.42
N ASP B 39 -11.51 12.07 -8.26
CA ASP B 39 -12.67 11.95 -7.39
C ASP B 39 -13.93 12.49 -8.06
N GLU B 40 -13.82 13.61 -8.79
CA GLU B 40 -15.00 14.20 -9.42
C GLU B 40 -15.63 13.25 -10.43
N GLU B 41 -14.82 12.70 -11.33
CA GLU B 41 -15.35 11.77 -12.32
C GLU B 41 -15.79 10.45 -11.69
N SER B 42 -15.03 9.96 -10.71
CA SER B 42 -15.42 8.76 -9.97
C SER B 42 -16.80 8.92 -9.34
N ALA B 43 -17.04 10.07 -8.72
CA ALA B 43 -18.32 10.33 -8.07
C ALA B 43 -19.47 10.30 -9.09
N GLU B 44 -19.23 10.83 -10.29
CA GLU B 44 -20.25 10.80 -11.33
C GLU B 44 -20.51 9.38 -11.83
N VAL B 45 -19.46 8.56 -11.91
CA VAL B 45 -19.65 7.16 -12.32
C VAL B 45 -20.48 6.44 -11.27
N ARG B 46 -20.15 6.61 -9.99
CA ARG B 46 -20.92 5.98 -8.92
C ARG B 46 -22.39 6.39 -8.98
N ALA B 47 -22.67 7.68 -9.20
CA ALA B 47 -24.05 8.14 -9.30
C ALA B 47 -24.78 7.50 -10.48
N GLU B 48 -24.10 7.35 -11.62
CA GLU B 48 -24.74 6.72 -12.77
C GLU B 48 -25.00 5.24 -12.50
N ILE B 49 -24.05 4.57 -11.85
CA ILE B 49 -24.23 3.16 -11.54
C ILE B 49 -25.37 2.98 -10.54
N ASP B 50 -25.38 3.81 -9.48
CA ASP B 50 -26.47 3.76 -8.52
C ASP B 50 -27.81 3.97 -9.20
N HIS B 51 -27.85 4.83 -10.21
CA HIS B 51 -29.10 5.14 -10.87
C HIS B 51 -29.59 3.96 -11.73
N LEU B 52 -28.69 3.31 -12.48
CA LEU B 52 -29.08 2.10 -13.20
C LEU B 52 -29.54 1.00 -12.22
N LEU B 53 -28.80 0.81 -11.12
CA LEU B 53 -29.22 -0.21 -10.15
C LEU B 53 -30.56 0.15 -9.51
N ALA B 54 -30.78 1.43 -9.21
CA ALA B 54 -32.03 1.83 -8.57
C ALA B 54 -33.22 1.58 -9.48
N ARG B 55 -33.06 1.83 -10.79
CA ARG B 55 -34.13 1.53 -11.74
C ARG B 55 -34.36 0.02 -11.87
N GLN B 56 -33.28 -0.77 -11.97
CA GLN B 56 -33.46 -2.22 -12.03
C GLN B 56 -34.17 -2.73 -10.79
N ALA B 57 -33.81 -2.21 -9.62
CA ALA B 57 -34.45 -2.63 -8.38
C ALA B 57 -35.90 -2.19 -8.33
N ALA B 58 -36.24 -1.13 -9.08
CA ALA B 58 -37.63 -0.71 -9.23
C ALA B 58 -38.43 -1.69 -10.05
N GLY B 59 -37.77 -2.49 -10.89
CA GLY B 59 -38.45 -3.33 -11.86
C GLY B 59 -38.43 -2.81 -13.27
N GLU B 60 -37.71 -1.72 -13.55
CA GLU B 60 -37.64 -1.16 -14.89
C GLU B 60 -36.69 -1.96 -15.76
N ALA B 61 -36.93 -1.90 -17.07
CA ALA B 61 -36.13 -2.61 -18.06
C ALA B 61 -35.21 -1.63 -18.76
N LEU B 62 -33.92 -1.96 -18.78
CA LEU B 62 -32.93 -1.09 -19.39
C LEU B 62 -32.83 -1.39 -20.88
N SER B 63 -32.85 -0.34 -21.69
CA SER B 63 -32.41 -0.47 -23.08
C SER B 63 -30.93 -0.14 -23.15
N ALA B 64 -30.34 -0.34 -24.34
CA ALA B 64 -28.94 0.00 -24.51
C ALA B 64 -28.74 1.51 -24.42
N GLY B 65 -29.69 2.29 -24.93
CA GLY B 65 -29.57 3.74 -24.86
C GLY B 65 -29.53 4.25 -23.44
N ASP B 66 -30.12 3.49 -22.51
CA ASP B 66 -30.07 3.84 -21.10
C ASP B 66 -28.67 3.78 -20.50
N LEU B 67 -27.72 3.13 -21.19
CA LEU B 67 -26.34 3.02 -20.72
C LEU B 67 -25.46 4.21 -21.10
N ALA B 68 -25.97 5.16 -21.89
CA ALA B 68 -25.13 6.27 -22.35
C ALA B 68 -24.63 7.16 -21.22
N PRO B 69 -25.45 7.59 -20.25
CA PRO B 69 -24.88 8.40 -19.16
C PRO B 69 -23.76 7.70 -18.41
N LEU B 70 -23.90 6.38 -18.14
CA LEU B 70 -22.82 5.67 -17.47
C LEU B 70 -21.61 5.53 -18.38
N ALA B 71 -21.81 5.16 -19.66
CA ALA B 71 -20.69 5.03 -20.59
C ALA B 71 -19.95 6.36 -20.74
N HIS B 72 -20.71 7.45 -20.88
CA HIS B 72 -20.10 8.78 -20.94
C HIS B 72 -19.25 9.02 -19.70
N ALA B 73 -19.79 8.71 -18.52
CA ALA B 73 -19.08 8.97 -17.28
C ALA B 73 -17.81 8.15 -17.19
N LEU B 74 -17.86 6.88 -17.61
CA LEU B 74 -16.69 6.02 -17.61
C LEU B 74 -15.61 6.55 -18.55
N ALA B 75 -16.00 7.08 -19.71
CA ALA B 75 -15.01 7.62 -20.62
C ALA B 75 -14.37 8.89 -20.06
N ASP B 76 -15.14 9.70 -19.33
CA ASP B 76 -14.54 10.87 -18.68
C ASP B 76 -13.53 10.45 -17.61
N LEU B 77 -13.83 9.36 -16.90
CA LEU B 77 -12.87 8.83 -15.91
C LEU B 77 -11.60 8.35 -16.59
N LEU B 78 -11.71 7.62 -17.70
CA LEU B 78 -10.56 7.32 -18.54
C LEU B 78 -9.78 8.60 -18.85
N TYR B 79 -10.50 9.64 -19.26
CA TYR B 79 -9.83 10.82 -19.78
C TYR B 79 -8.89 11.43 -18.73
N VAL B 80 -9.38 11.56 -17.49
CA VAL B 80 -8.55 12.16 -16.46
C VAL B 80 -7.55 11.16 -15.88
N THR B 81 -7.81 9.85 -15.99
CA THR B 81 -6.81 8.88 -15.53
C THR B 81 -5.64 8.82 -16.49
N TYR B 82 -5.92 8.65 -17.79
CA TYR B 82 -4.89 8.89 -18.79
C TYR B 82 -4.29 10.28 -18.63
N GLY B 83 -5.12 11.24 -18.22
CA GLY B 83 -4.60 12.60 -18.04
C GLY B 83 -3.54 12.66 -16.98
N ALA B 84 -3.73 11.91 -15.88
CA ALA B 84 -2.76 11.88 -14.80
C ALA B 84 -1.44 11.27 -15.26
N LEU B 85 -1.49 10.15 -15.99
CA LEU B 85 -0.26 9.51 -16.42
C LEU B 85 0.51 10.40 -17.39
N ASP B 86 -0.20 11.13 -18.25
CA ASP B 86 0.48 11.92 -19.26
C ASP B 86 1.24 13.09 -18.64
N GLN B 87 0.65 13.75 -17.65
CA GLN B 87 1.33 14.82 -16.95
C GLN B 87 2.50 14.34 -16.13
N LEU B 88 2.55 13.05 -15.80
CA LEU B 88 3.71 12.44 -15.18
C LEU B 88 4.76 12.04 -16.19
N GLY B 89 4.50 12.24 -17.48
CA GLY B 89 5.44 11.84 -18.51
C GLY B 89 5.55 10.35 -18.68
N ILE B 90 4.53 9.60 -18.28
CA ILE B 90 4.57 8.15 -18.26
C ILE B 90 3.70 7.63 -19.40
N ASP B 91 4.31 6.87 -20.31
CA ASP B 91 3.60 6.22 -21.40
C ASP B 91 2.56 5.26 -20.82
N ALA B 92 1.28 5.65 -20.83
CA ALA B 92 0.24 4.79 -20.26
C ALA B 92 0.16 3.44 -20.97
N ASP B 93 0.39 3.42 -22.29
CA ASP B 93 0.23 2.18 -23.05
C ASP B 93 1.27 1.15 -22.65
N ALA B 94 2.48 1.59 -22.33
CA ALA B 94 3.53 0.65 -21.93
C ALA B 94 3.25 0.12 -20.53
N VAL B 95 2.73 0.97 -19.65
CA VAL B 95 2.37 0.49 -18.31
C VAL B 95 1.21 -0.48 -18.39
N PHE B 96 0.17 -0.11 -19.14
CA PHE B 96 -1.02 -0.95 -19.25
C PHE B 96 -0.67 -2.34 -19.81
N ALA B 97 0.17 -2.37 -20.84
CA ALA B 97 0.51 -3.64 -21.48
C ALA B 97 1.14 -4.62 -20.50
N GLU B 98 1.99 -4.12 -19.59
CA GLU B 98 2.59 -5.00 -18.60
C GLU B 98 1.57 -5.42 -17.55
N VAL B 99 0.71 -4.49 -17.12
CA VAL B 99 -0.39 -4.85 -16.24
C VAL B 99 -1.29 -5.92 -16.88
N HIS B 100 -1.54 -5.79 -18.19
CA HIS B 100 -2.40 -6.76 -18.87
C HIS B 100 -1.75 -8.14 -18.86
N ARG B 101 -0.45 -8.20 -19.16
CA ARG B 101 0.28 -9.46 -19.14
C ARG B 101 0.08 -10.19 -17.81
N ALA B 102 0.32 -9.49 -16.70
CA ALA B 102 0.12 -10.11 -15.39
C ALA B 102 -1.36 -10.42 -15.10
N ASN B 103 -2.31 -9.75 -15.75
CA ASN B 103 -3.73 -10.09 -15.51
C ASN B 103 -4.14 -11.34 -16.28
N LEU B 104 -3.71 -11.47 -17.54
CA LEU B 104 -3.93 -12.71 -18.28
C LEU B 104 -3.46 -13.93 -17.49
N SER B 105 -2.34 -13.82 -16.79
CA SER B 105 -1.83 -14.96 -16.06
C SER B 105 -2.65 -15.31 -14.81
N LYS B 106 -3.76 -14.62 -14.57
CA LYS B 106 -4.65 -14.93 -13.44
C LYS B 106 -5.73 -15.93 -13.80
N ALA B 107 -5.77 -16.40 -15.06
CA ALA B 107 -6.97 -17.04 -15.58
C ALA B 107 -7.30 -18.32 -14.83
N SER B 108 -6.31 -18.99 -14.26
CA SER B 108 -6.55 -20.26 -13.57
C SER B 108 -6.87 -20.09 -12.09
N GLY B 109 -6.92 -18.87 -11.58
CA GLY B 109 -7.20 -18.65 -10.18
C GLY B 109 -8.68 -18.70 -9.88
N PRO B 110 -9.02 -18.77 -8.59
CA PRO B 110 -10.43 -18.83 -8.21
C PRO B 110 -11.12 -17.48 -8.38
N ARG B 111 -12.45 -17.52 -8.28
CA ARG B 111 -13.29 -16.35 -8.39
C ARG B 111 -13.92 -16.02 -7.04
N ARG B 112 -13.96 -14.73 -6.73
CA ARG B 112 -14.67 -14.21 -5.57
C ARG B 112 -16.18 -14.25 -5.82
N ALA B 113 -16.97 -14.23 -4.74
CA ALA B 113 -18.41 -14.39 -4.86
C ALA B 113 -19.05 -13.32 -5.76
N ASP B 114 -18.51 -12.11 -5.75
CA ASP B 114 -19.08 -11.07 -6.59
C ASP B 114 -18.60 -11.17 -8.02
N GLY B 115 -17.72 -12.10 -8.34
CA GLY B 115 -17.23 -12.31 -9.68
C GLY B 115 -15.81 -11.85 -9.93
N LYS B 116 -15.16 -11.20 -8.95
CA LYS B 116 -13.78 -10.76 -9.15
C LYS B 116 -12.83 -11.93 -9.36
N GLN B 117 -12.03 -11.85 -10.40
CA GLN B 117 -10.96 -12.81 -10.66
C GLN B 117 -9.89 -12.68 -9.59
N LEU B 118 -9.50 -13.79 -8.98
CA LEU B 118 -8.50 -13.75 -7.93
C LEU B 118 -7.21 -14.44 -8.43
N LYS B 119 -6.15 -14.34 -7.61
CA LYS B 119 -4.83 -14.70 -8.15
C LYS B 119 -4.53 -16.17 -7.86
N PRO B 120 -4.13 -16.94 -8.86
CA PRO B 120 -3.78 -18.34 -8.62
C PRO B 120 -2.50 -18.43 -7.81
N GLU B 121 -2.23 -19.65 -7.35
CA GLU B 121 -1.04 -19.85 -6.53
C GLU B 121 0.21 -19.72 -7.40
N GLY B 122 1.22 -19.05 -6.84
CA GLY B 122 2.44 -18.80 -7.59
C GLY B 122 2.33 -17.73 -8.65
N TRP B 123 1.32 -16.87 -8.57
CA TRP B 123 1.17 -15.78 -9.54
C TRP B 123 2.15 -14.66 -9.23
N ARG B 124 2.71 -14.07 -10.29
CA ARG B 124 3.68 -13.00 -10.14
C ARG B 124 3.11 -11.69 -10.61
N PRO B 125 3.25 -10.61 -9.84
CA PRO B 125 2.75 -9.30 -10.29
C PRO B 125 3.57 -8.70 -11.41
N ALA B 126 2.94 -7.75 -12.09
CA ALA B 126 3.58 -6.97 -13.15
C ALA B 126 4.76 -6.19 -12.60
N ASP B 127 5.79 -6.02 -13.44
CA ASP B 127 6.99 -5.27 -13.06
C ASP B 127 6.89 -3.88 -13.69
N VAL B 128 6.13 -3.01 -13.04
CA VAL B 128 5.95 -1.65 -13.56
C VAL B 128 7.17 -0.78 -13.25
N ARG B 129 7.91 -1.06 -12.18
CA ARG B 129 9.18 -0.37 -12.00
C ARG B 129 10.07 -0.57 -13.23
N GLY B 130 10.05 -1.79 -13.78
CA GLY B 130 10.83 -2.06 -14.98
C GLY B 130 10.37 -1.25 -16.17
N VAL B 131 9.05 -1.12 -16.33
CA VAL B 131 8.54 -0.28 -17.42
C VAL B 131 9.00 1.16 -17.24
N ILE B 132 8.85 1.71 -16.04
CA ILE B 132 9.31 3.07 -15.75
C ILE B 132 10.80 3.21 -16.08
N GLU B 133 11.60 2.21 -15.68
CA GLU B 133 13.03 2.25 -15.94
C GLU B 133 13.32 2.30 -17.43
N ARG B 134 12.62 1.47 -18.21
CA ARG B 134 12.79 1.49 -19.67
C ARG B 134 12.44 2.85 -20.25
N LEU B 135 11.24 3.37 -19.95
CA LEU B 135 10.82 4.66 -20.47
C LEU B 135 11.83 5.74 -20.14
N GLN B 136 12.34 5.70 -18.90
CA GLN B 136 13.18 6.77 -18.38
C GLN B 136 14.44 6.93 -19.20
N HIS B 137 14.90 5.85 -19.83
CA HIS B 137 16.19 5.81 -20.49
C HIS B 137 16.10 5.43 -21.96
N ALA B 138 14.90 5.40 -22.53
CA ALA B 138 14.73 4.95 -23.92
C ALA B 138 15.47 5.84 -24.91
N PRO C 1 -0.55 -4.07 -32.56
CA PRO C 1 -0.61 -3.83 -31.11
C PRO C 1 -2.03 -3.48 -30.69
N PRO C 2 -2.65 -4.35 -29.90
CA PRO C 2 -4.05 -4.11 -29.53
C PRO C 2 -4.20 -2.86 -28.69
N THR C 3 -5.37 -2.23 -28.80
CA THR C 3 -5.68 -1.15 -27.88
C THR C 3 -5.94 -1.72 -26.47
N ASN C 4 -5.88 -0.83 -25.48
CA ASN C 4 -6.15 -1.24 -24.11
C ASN C 4 -7.57 -1.80 -23.97
N ALA C 5 -8.54 -1.20 -24.67
CA ALA C 5 -9.89 -1.73 -24.66
C ALA C 5 -9.94 -3.14 -25.22
N GLU C 6 -9.25 -3.37 -26.33
CA GLU C 6 -9.17 -4.71 -26.90
C GLU C 6 -8.46 -5.69 -25.95
N ARG C 7 -7.51 -5.22 -25.14
CA ARG C 7 -6.92 -6.11 -24.15
C ARG C 7 -7.94 -6.58 -23.14
N LEU C 8 -8.83 -5.68 -22.70
CA LEU C 8 -9.87 -6.06 -21.77
C LEU C 8 -10.74 -7.18 -22.34
N HIS C 9 -11.10 -7.08 -23.62
CA HIS C 9 -11.86 -8.14 -24.27
C HIS C 9 -11.10 -9.47 -24.21
N GLU C 10 -9.80 -9.43 -24.48
CA GLU C 10 -8.99 -10.63 -24.36
C GLU C 10 -9.02 -11.18 -22.93
N PHE C 11 -8.92 -10.30 -21.94
CA PHE C 11 -8.88 -10.72 -20.54
C PHE C 11 -10.21 -11.35 -20.11
N HIS C 12 -11.31 -10.68 -20.39
CA HIS C 12 -12.61 -11.22 -20.01
C HIS C 12 -12.90 -12.54 -20.72
N ARG C 13 -12.48 -12.68 -21.98
CA ARG C 13 -12.60 -13.98 -22.63
C ARG C 13 -11.76 -15.02 -21.90
N ALA C 14 -10.52 -14.67 -21.56
CA ALA C 14 -9.64 -15.63 -20.90
C ALA C 14 -10.23 -16.15 -19.60
N ILE C 15 -10.90 -15.29 -18.83
CA ILE C 15 -11.39 -15.69 -17.50
C ILE C 15 -12.85 -16.11 -17.53
N GLY C 16 -13.50 -16.07 -18.68
CA GLY C 16 -14.88 -16.48 -18.77
C GLY C 16 -15.88 -15.48 -18.26
N ALA C 17 -15.51 -14.20 -18.23
CA ALA C 17 -16.42 -13.15 -17.81
C ALA C 17 -17.21 -12.61 -19.00
N ALA C 18 -18.40 -12.07 -18.71
CA ALA C 18 -19.27 -11.57 -19.78
C ALA C 18 -18.58 -10.46 -20.55
N THR C 19 -18.68 -10.52 -21.86
CA THR C 19 -18.04 -9.53 -22.71
C THR C 19 -18.80 -9.47 -24.04
N PRO C 20 -20.02 -8.94 -24.03
CA PRO C 20 -20.87 -8.98 -25.24
C PRO C 20 -20.32 -8.14 -26.39
N GLU C 21 -20.77 -8.50 -27.60
CA GLU C 21 -20.25 -7.88 -28.81
C GLU C 21 -20.86 -6.51 -29.10
N ARG C 22 -22.05 -6.23 -28.56
CA ARG C 22 -22.77 -4.98 -28.81
C ARG C 22 -23.38 -4.52 -27.50
N PRO C 23 -23.79 -3.26 -27.40
CA PRO C 23 -24.26 -2.74 -26.11
C PRO C 23 -25.40 -3.58 -25.56
N THR C 24 -25.24 -4.03 -24.32
CA THR C 24 -26.15 -4.98 -23.68
C THR C 24 -26.49 -4.51 -22.28
N PRO C 25 -27.75 -4.28 -21.95
CA PRO C 25 -28.11 -3.90 -20.57
C PRO C 25 -27.71 -4.99 -19.60
N PRO C 26 -27.05 -4.65 -18.51
CA PRO C 26 -26.44 -5.66 -17.67
C PRO C 26 -27.37 -6.10 -16.55
N PRO C 27 -27.15 -7.30 -16.01
CA PRO C 27 -27.82 -7.64 -14.75
C PRO C 27 -27.21 -6.84 -13.61
N PRO C 28 -28.00 -6.57 -12.57
CA PRO C 28 -27.46 -5.79 -11.42
C PRO C 28 -26.19 -6.34 -10.82
N GLU C 29 -26.08 -7.66 -10.70
CA GLU C 29 -24.85 -8.26 -10.17
C GLU C 29 -23.61 -7.73 -10.90
N LEU C 30 -23.72 -7.49 -12.21
CA LEU C 30 -22.57 -7.01 -12.98
C LEU C 30 -22.22 -5.58 -12.60
N LEU C 31 -23.22 -4.71 -12.52
CA LEU C 31 -22.99 -3.32 -12.14
C LEU C 31 -22.37 -3.21 -10.76
N ARG C 32 -22.84 -4.02 -9.81
CA ARG C 32 -22.31 -3.97 -8.45
C ARG C 32 -20.82 -4.33 -8.43
N LEU C 33 -20.44 -5.38 -9.15
CA LEU C 33 -19.02 -5.74 -9.25
C LEU C 33 -18.21 -4.58 -9.80
N ARG C 34 -18.65 -4.01 -10.94
CA ARG C 34 -17.91 -2.92 -11.54
C ARG C 34 -17.74 -1.78 -10.55
N GLN C 35 -18.79 -1.48 -9.78
CA GLN C 35 -18.66 -0.42 -8.78
C GLN C 35 -17.62 -0.81 -7.73
N THR C 36 -17.64 -2.07 -7.29
CA THR C 36 -16.70 -2.52 -6.27
C THR C 36 -15.28 -2.45 -6.80
N LEU C 37 -15.06 -2.85 -8.05
CA LEU C 37 -13.72 -2.77 -8.61
C LEU C 37 -13.26 -1.33 -8.78
N LEU C 38 -14.16 -0.44 -9.18
CA LEU C 38 -13.81 0.97 -9.28
C LEU C 38 -13.41 1.54 -7.92
N ASP C 39 -14.14 1.18 -6.86
CA ASP C 39 -13.77 1.67 -5.53
C ASP C 39 -12.44 1.13 -5.07
N GLU C 40 -12.18 -0.16 -5.31
CA GLU C 40 -10.90 -0.75 -4.91
C GLU C 40 -9.72 -0.03 -5.56
N GLU C 41 -9.77 0.15 -6.89
CA GLU C 41 -8.61 0.70 -7.57
C GLU C 41 -8.45 2.20 -7.33
N SER C 42 -9.55 2.94 -7.14
CA SER C 42 -9.39 4.36 -6.87
C SER C 42 -8.90 4.61 -5.43
N ALA C 43 -9.18 3.69 -4.50
CA ALA C 43 -8.62 3.79 -3.15
C ALA C 43 -7.12 3.55 -3.16
N GLU C 44 -6.64 2.66 -4.02
CA GLU C 44 -5.21 2.44 -4.13
C GLU C 44 -4.52 3.63 -4.78
N VAL C 45 -5.12 4.21 -5.84
CA VAL C 45 -4.58 5.44 -6.42
C VAL C 45 -4.43 6.51 -5.35
N ARG C 46 -5.51 6.78 -4.62
CA ARG C 46 -5.46 7.77 -3.56
C ARG C 46 -4.34 7.46 -2.56
N ALA C 47 -4.16 6.17 -2.23
CA ALA C 47 -3.13 5.78 -1.27
C ALA C 47 -1.73 6.09 -1.79
N GLU C 48 -1.47 5.83 -3.07
CA GLU C 48 -0.14 6.11 -3.58
C GLU C 48 0.10 7.61 -3.72
N ILE C 49 -0.92 8.37 -4.13
CA ILE C 49 -0.76 9.83 -4.19
C ILE C 49 -0.45 10.38 -2.81
N ASP C 50 -1.11 9.84 -1.78
CA ASP C 50 -0.88 10.27 -0.40
C ASP C 50 0.55 9.97 0.04
N HIS C 51 1.08 8.80 -0.35
CA HIS C 51 2.46 8.49 0.03
C HIS C 51 3.43 9.46 -0.62
N LEU C 52 3.22 9.75 -1.90
CA LEU C 52 4.12 10.67 -2.59
C LEU C 52 4.06 12.06 -1.95
N LEU C 53 2.86 12.59 -1.74
CA LEU C 53 2.72 13.88 -1.07
C LEU C 53 3.40 13.90 0.29
N ALA C 54 3.24 12.82 1.08
CA ALA C 54 3.88 12.75 2.39
C ALA C 54 5.40 12.76 2.28
N ARG C 55 5.98 12.00 1.35
CA ARG C 55 7.43 12.05 1.19
C ARG C 55 7.89 13.45 0.78
N GLN C 56 7.16 14.09 -0.15
CA GLN C 56 7.53 15.42 -0.59
C GLN C 56 7.45 16.43 0.54
N ALA C 57 6.37 16.37 1.33
CA ALA C 57 6.27 17.25 2.48
C ALA C 57 7.47 17.11 3.42
N ALA C 58 8.05 15.92 3.49
CA ALA C 58 9.23 15.68 4.31
C ALA C 58 10.53 15.99 3.58
N GLY C 59 10.44 16.52 2.35
CA GLY C 59 11.59 17.00 1.62
C GLY C 59 12.28 16.01 0.72
N GLU C 60 11.73 14.80 0.59
CA GLU C 60 12.35 13.81 -0.29
C GLU C 60 12.28 14.31 -1.73
N ALA C 61 13.39 14.13 -2.43
CA ALA C 61 13.45 14.37 -3.87
C ALA C 61 13.05 13.09 -4.57
N LEU C 62 11.84 13.05 -5.12
CA LEU C 62 11.31 11.85 -5.75
C LEU C 62 12.05 11.54 -7.05
N SER C 63 12.28 10.27 -7.30
CA SER C 63 12.86 9.82 -8.55
C SER C 63 11.77 9.34 -9.51
N ALA C 64 12.19 9.09 -10.75
CA ALA C 64 11.27 8.50 -11.72
C ALA C 64 10.78 7.14 -11.22
N GLY C 65 11.67 6.36 -10.61
CA GLY C 65 11.27 5.06 -10.08
C GLY C 65 10.23 5.14 -8.97
N ASP C 66 10.28 6.22 -8.17
CA ASP C 66 9.31 6.38 -7.09
C ASP C 66 7.87 6.50 -7.60
N LEU C 67 7.68 6.78 -8.88
CA LEU C 67 6.38 6.88 -9.50
C LEU C 67 5.82 5.51 -9.93
N ALA C 68 6.61 4.44 -9.82
CA ALA C 68 6.12 3.14 -10.26
C ALA C 68 4.86 2.72 -9.54
N PRO C 69 4.77 2.74 -8.20
CA PRO C 69 3.52 2.27 -7.57
C PRO C 69 2.30 3.05 -8.03
N LEU C 70 2.37 4.40 -8.00
CA LEU C 70 1.28 5.23 -8.50
C LEU C 70 0.96 4.92 -9.95
N ALA C 71 1.99 4.73 -10.79
CA ALA C 71 1.76 4.41 -12.19
C ALA C 71 1.04 3.07 -12.34
N HIS C 72 1.42 2.08 -11.51
CA HIS C 72 0.75 0.80 -11.50
C HIS C 72 -0.70 0.94 -11.07
N ALA C 73 -0.97 1.77 -10.06
CA ALA C 73 -2.33 1.93 -9.56
C ALA C 73 -3.19 2.69 -10.58
N LEU C 74 -2.61 3.68 -11.27
CA LEU C 74 -3.40 4.38 -12.28
C LEU C 74 -3.75 3.45 -13.45
N ALA C 75 -2.86 2.52 -13.80
CA ALA C 75 -3.18 1.57 -14.86
C ALA C 75 -4.25 0.57 -14.42
N ASP C 76 -4.18 0.11 -13.17
CA ASP C 76 -5.25 -0.73 -12.63
C ASP C 76 -6.60 -0.02 -12.71
N LEU C 77 -6.62 1.29 -12.44
CA LEU C 77 -7.85 2.06 -12.57
C LEU C 77 -8.33 2.10 -14.02
N LEU C 78 -7.43 2.38 -14.97
CA LEU C 78 -7.80 2.23 -16.37
C LEU C 78 -8.38 0.86 -16.65
N TYR C 79 -7.74 -0.18 -16.09
CA TYR C 79 -8.13 -1.55 -16.40
C TYR C 79 -9.58 -1.82 -15.99
N VAL C 80 -9.96 -1.46 -14.76
CA VAL C 80 -11.34 -1.71 -14.34
C VAL C 80 -12.32 -0.71 -14.95
N THR C 81 -11.85 0.46 -15.41
CA THR C 81 -12.74 1.39 -16.10
C THR C 81 -13.08 0.87 -17.49
N TYR C 82 -12.06 0.50 -18.28
CA TYR C 82 -12.29 -0.23 -19.53
C TYR C 82 -13.12 -1.49 -19.32
N GLY C 83 -12.82 -2.24 -18.24
CA GLY C 83 -13.52 -3.49 -18.02
C GLY C 83 -15.01 -3.32 -17.85
N ALA C 84 -15.44 -2.21 -17.25
CA ALA C 84 -16.86 -1.92 -17.16
C ALA C 84 -17.45 -1.69 -18.55
N LEU C 85 -16.80 -0.86 -19.35
CA LEU C 85 -17.27 -0.63 -20.71
C LEU C 85 -17.31 -1.93 -21.48
N ASP C 86 -16.26 -2.76 -21.34
CA ASP C 86 -16.25 -4.04 -22.03
C ASP C 86 -17.39 -4.94 -21.56
N GLN C 87 -17.70 -4.95 -20.27
CA GLN C 87 -18.75 -5.85 -19.81
C GLN C 87 -20.14 -5.34 -20.17
N LEU C 88 -20.26 -4.04 -20.49
CA LEU C 88 -21.49 -3.47 -21.00
C LEU C 88 -21.66 -3.71 -22.49
N GLY C 89 -20.66 -4.32 -23.14
CA GLY C 89 -20.69 -4.54 -24.57
C GLY C 89 -20.47 -3.31 -25.39
N ILE C 90 -19.89 -2.25 -24.80
CA ILE C 90 -19.71 -0.96 -25.43
C ILE C 90 -18.22 -0.79 -25.77
N ASP C 91 -17.93 -0.59 -27.06
CA ASP C 91 -16.58 -0.30 -27.51
C ASP C 91 -16.07 0.97 -26.86
N ALA C 92 -15.08 0.83 -25.96
CA ALA C 92 -14.57 1.98 -25.22
C ALA C 92 -13.82 2.94 -26.13
N ASP C 93 -13.15 2.43 -27.15
CA ASP C 93 -12.44 3.30 -28.09
C ASP C 93 -13.39 4.19 -28.86
N ALA C 94 -14.57 3.67 -29.23
CA ALA C 94 -15.52 4.50 -29.96
C ALA C 94 -16.10 5.60 -29.09
N VAL C 95 -16.35 5.32 -27.80
CA VAL C 95 -16.89 6.34 -26.93
C VAL C 95 -15.81 7.35 -26.55
N PHE C 96 -14.60 6.87 -26.26
CA PHE C 96 -13.51 7.76 -25.94
C PHE C 96 -13.21 8.70 -27.10
N ALA C 97 -13.20 8.17 -28.33
CA ALA C 97 -13.01 9.00 -29.52
C ALA C 97 -14.01 10.14 -29.56
N GLU C 98 -15.26 9.86 -29.18
CA GLU C 98 -16.28 10.90 -29.20
C GLU C 98 -16.06 11.90 -28.08
N VAL C 99 -15.66 11.43 -26.90
CA VAL C 99 -15.39 12.33 -25.79
C VAL C 99 -14.20 13.23 -26.11
N HIS C 100 -13.14 12.64 -26.68
CA HIS C 100 -11.96 13.39 -27.08
C HIS C 100 -12.33 14.47 -28.10
N ARG C 101 -13.12 14.10 -29.12
CA ARG C 101 -13.55 15.07 -30.13
C ARG C 101 -14.19 16.28 -29.48
N ALA C 102 -15.07 16.05 -28.51
CA ALA C 102 -15.72 17.15 -27.82
C ALA C 102 -14.74 17.96 -26.98
N ASN C 103 -13.88 17.28 -26.21
CA ASN C 103 -12.92 18.01 -25.38
C ASN C 103 -11.93 18.80 -26.23
N LEU C 104 -11.43 18.18 -27.29
CA LEU C 104 -10.45 18.84 -28.14
C LEU C 104 -11.08 20.02 -28.89
N SER C 105 -12.33 19.87 -29.34
CA SER C 105 -13.03 20.90 -30.12
C SER C 105 -13.19 22.22 -29.37
N PRO C 125 -19.96 18.75 -28.44
CA PRO C 125 -20.65 18.23 -27.26
C PRO C 125 -20.82 16.72 -27.35
N ALA C 126 -20.23 15.98 -26.42
CA ALA C 126 -20.14 14.53 -26.56
C ALA C 126 -21.53 13.91 -26.65
N ASP C 127 -21.72 13.06 -27.65
CA ASP C 127 -23.01 12.41 -27.92
C ASP C 127 -22.83 10.90 -27.82
N VAL C 128 -22.68 10.41 -26.58
CA VAL C 128 -22.41 8.99 -26.37
C VAL C 128 -23.64 8.15 -26.74
N ARG C 129 -24.84 8.66 -26.45
CA ARG C 129 -26.07 8.02 -26.94
C ARG C 129 -25.96 7.70 -28.44
N GLY C 130 -25.49 8.66 -29.22
CA GLY C 130 -25.32 8.42 -30.65
C GLY C 130 -24.30 7.34 -30.94
N VAL C 131 -23.22 7.27 -30.14
CA VAL C 131 -22.23 6.20 -30.33
C VAL C 131 -22.84 4.85 -29.98
N ILE C 132 -23.60 4.78 -28.88
CA ILE C 132 -24.28 3.53 -28.51
C ILE C 132 -25.17 3.06 -29.66
N GLU C 133 -25.99 3.96 -30.20
CA GLU C 133 -26.88 3.60 -31.30
C GLU C 133 -26.08 3.07 -32.49
N ARG C 134 -24.98 3.71 -32.83
CA ARG C 134 -24.16 3.24 -33.94
C ARG C 134 -23.60 1.85 -33.66
N LEU C 135 -23.24 1.57 -32.40
CA LEU C 135 -22.53 0.34 -32.09
C LEU C 135 -23.44 -0.88 -32.18
N GLN C 136 -24.74 -0.70 -31.97
CA GLN C 136 -25.68 -1.80 -32.12
C GLN C 136 -25.87 -2.24 -33.55
N HIS C 137 -25.35 -1.49 -34.53
CA HIS C 137 -25.66 -1.74 -35.94
C HIS C 137 -24.42 -1.89 -36.83
N PRO D 1 23.98 -16.28 17.23
CA PRO D 1 23.19 -15.45 16.31
C PRO D 1 22.88 -14.07 16.91
N PRO D 2 23.01 -13.02 16.11
CA PRO D 2 22.68 -11.68 16.61
C PRO D 2 21.19 -11.55 16.90
N THR D 3 20.87 -10.86 17.98
CA THR D 3 19.47 -10.55 18.24
C THR D 3 19.01 -9.40 17.35
N ASN D 4 17.71 -9.26 17.23
CA ASN D 4 17.18 -8.17 16.43
C ASN D 4 17.59 -6.81 16.97
N ALA D 5 17.73 -6.68 18.30
CA ALA D 5 18.21 -5.43 18.87
C ALA D 5 19.67 -5.17 18.48
N GLU D 6 20.52 -6.20 18.54
CA GLU D 6 21.90 -6.05 18.08
C GLU D 6 21.96 -5.72 16.60
N ARG D 7 20.99 -6.22 15.84
CA ARG D 7 20.95 -5.91 14.41
C ARG D 7 20.72 -4.42 14.19
N LEU D 8 19.86 -3.80 15.00
CA LEU D 8 19.68 -2.35 14.88
C LEU D 8 20.99 -1.62 15.13
N HIS D 9 21.79 -2.09 16.08
CA HIS D 9 23.06 -1.42 16.33
C HIS D 9 23.96 -1.48 15.10
N GLU D 10 23.98 -2.63 14.43
CA GLU D 10 24.72 -2.75 13.18
C GLU D 10 24.20 -1.78 12.13
N PHE D 11 22.87 -1.68 11.98
CA PHE D 11 22.30 -0.79 10.98
C PHE D 11 22.69 0.67 11.22
N HIS D 12 22.57 1.15 12.46
CA HIS D 12 22.82 2.56 12.72
C HIS D 12 24.29 2.90 12.55
N ARG D 13 25.17 1.97 12.90
CA ARG D 13 26.59 2.19 12.67
C ARG D 13 26.91 2.22 11.19
N ALA D 14 26.18 1.42 10.39
CA ALA D 14 26.43 1.41 8.95
C ALA D 14 25.90 2.66 8.27
N ILE D 15 24.91 3.35 8.84
CA ILE D 15 24.36 4.52 8.19
C ILE D 15 24.86 5.82 8.83
N GLY D 16 25.74 5.75 9.83
CA GLY D 16 26.20 6.96 10.48
C GLY D 16 25.23 7.54 11.47
N ALA D 17 24.31 6.73 12.00
CA ALA D 17 23.31 7.22 12.94
C ALA D 17 23.78 7.05 14.37
N ALA D 18 23.37 7.98 15.23
CA ALA D 18 23.72 7.91 16.64
C ALA D 18 23.25 6.58 17.21
N THR D 19 24.16 5.87 17.88
CA THR D 19 23.81 4.62 18.55
C THR D 19 24.69 4.48 19.80
N PRO D 20 24.34 5.20 20.87
CA PRO D 20 25.20 5.24 22.07
C PRO D 20 25.23 3.92 22.81
N GLU D 21 26.29 3.76 23.63
CA GLU D 21 26.52 2.52 24.37
C GLU D 21 25.63 2.40 25.61
N ARG D 22 25.29 3.51 26.25
CA ARG D 22 24.54 3.54 27.49
C ARG D 22 23.39 4.51 27.35
N PRO D 23 22.37 4.41 28.21
CA PRO D 23 21.25 5.35 28.11
C PRO D 23 21.72 6.78 28.14
N THR D 24 21.26 7.57 27.15
CA THR D 24 21.72 8.90 26.81
C THR D 24 20.53 9.80 26.46
N PRO D 25 20.25 10.82 27.27
CA PRO D 25 19.18 11.76 26.95
C PRO D 25 19.36 12.31 25.56
N PRO D 26 18.30 12.41 24.77
CA PRO D 26 18.45 12.66 23.36
C PRO D 26 18.15 14.11 23.01
N PRO D 27 18.67 14.60 21.88
CA PRO D 27 18.21 15.89 21.38
C PRO D 27 16.76 15.78 20.92
N PRO D 28 16.02 16.88 20.92
CA PRO D 28 14.65 16.84 20.41
C PRO D 28 14.55 16.29 19.00
N GLU D 29 15.52 16.62 18.13
CA GLU D 29 15.47 16.17 16.74
C GLU D 29 15.44 14.65 16.64
N LEU D 30 16.16 13.98 17.55
CA LEU D 30 16.14 12.53 17.58
C LEU D 30 14.74 12.02 17.98
N LEU D 31 14.16 12.60 19.03
CA LEU D 31 12.81 12.22 19.43
C LEU D 31 11.82 12.43 18.30
N ARG D 32 11.93 13.55 17.59
CA ARG D 32 10.95 13.83 16.54
C ARG D 32 11.07 12.81 15.41
N LEU D 33 12.29 12.49 14.99
CA LEU D 33 12.48 11.46 13.98
C LEU D 33 11.88 10.13 14.44
N ARG D 34 12.14 9.74 15.69
CA ARG D 34 11.64 8.44 16.12
C ARG D 34 10.11 8.42 16.09
N GLN D 35 9.47 9.54 16.46
CA GLN D 35 8.01 9.59 16.42
C GLN D 35 7.51 9.46 14.99
N THR D 36 8.17 10.13 14.05
CA THR D 36 7.78 10.09 12.65
C THR D 36 7.88 8.68 12.09
N LEU D 37 8.99 8.00 12.34
CA LEU D 37 9.15 6.64 11.82
C LEU D 37 8.14 5.69 12.45
N LEU D 38 7.84 5.86 13.74
CA LEU D 38 6.82 5.03 14.38
C LEU D 38 5.43 5.28 13.79
N ASP D 39 5.13 6.56 13.45
CA ASP D 39 3.85 6.86 12.81
C ASP D 39 3.79 6.29 11.40
N GLU D 40 4.90 6.39 10.65
CA GLU D 40 4.95 5.84 9.29
C GLU D 40 4.67 4.35 9.29
N GLU D 41 5.37 3.58 10.12
CA GLU D 41 5.25 2.12 10.06
C GLU D 41 3.97 1.61 10.69
N SER D 42 3.44 2.29 11.72
CA SER D 42 2.20 1.79 12.30
C SER D 42 1.00 2.11 11.40
N ALA D 43 1.11 3.14 10.56
CA ALA D 43 0.10 3.37 9.53
C ALA D 43 0.15 2.29 8.47
N GLU D 44 1.35 1.81 8.12
CA GLU D 44 1.44 0.74 7.13
C GLU D 44 0.88 -0.57 7.67
N VAL D 45 1.19 -0.90 8.94
CA VAL D 45 0.54 -2.05 9.57
C VAL D 45 -0.98 -1.92 9.45
N ARG D 46 -1.51 -0.76 9.86
CA ARG D 46 -2.95 -0.54 9.85
C ARG D 46 -3.55 -0.78 8.46
N ALA D 47 -2.89 -0.26 7.42
CA ALA D 47 -3.43 -0.39 6.08
C ALA D 47 -3.40 -1.84 5.61
N GLU D 48 -2.37 -2.60 6.01
CA GLU D 48 -2.30 -3.99 5.57
C GLU D 48 -3.30 -4.85 6.31
N ILE D 49 -3.61 -4.50 7.56
CA ILE D 49 -4.69 -5.18 8.25
C ILE D 49 -6.03 -4.84 7.60
N ASP D 50 -6.22 -3.56 7.24
CA ASP D 50 -7.48 -3.18 6.60
C ASP D 50 -7.71 -3.92 5.28
N HIS D 51 -6.65 -4.16 4.49
CA HIS D 51 -6.80 -4.91 3.24
C HIS D 51 -7.23 -6.35 3.51
N LEU D 52 -6.58 -7.00 4.48
CA LEU D 52 -6.95 -8.36 4.83
C LEU D 52 -8.42 -8.43 5.27
N LEU D 53 -8.83 -7.51 6.16
CA LEU D 53 -10.22 -7.49 6.61
C LEU D 53 -11.20 -7.29 5.45
N ALA D 54 -10.86 -6.39 4.50
CA ALA D 54 -11.75 -6.15 3.37
C ALA D 54 -11.86 -7.38 2.48
N ARG D 55 -10.75 -8.03 2.20
CA ARG D 55 -10.81 -9.24 1.36
C ARG D 55 -11.63 -10.32 2.04
N GLN D 56 -11.39 -10.55 3.34
CA GLN D 56 -12.14 -11.54 4.11
C GLN D 56 -13.63 -11.24 4.10
N ALA D 57 -13.99 -9.96 4.22
CA ALA D 57 -15.39 -9.57 4.21
C ALA D 57 -16.06 -9.95 2.89
N ALA D 58 -15.33 -9.89 1.80
CA ALA D 58 -15.84 -10.25 0.49
C ALA D 58 -15.73 -11.75 0.22
N GLY D 59 -15.31 -12.53 1.21
CA GLY D 59 -15.32 -13.97 1.07
C GLY D 59 -14.02 -14.60 0.63
N GLU D 60 -12.98 -13.81 0.37
CA GLU D 60 -11.72 -14.38 -0.10
C GLU D 60 -11.17 -15.32 0.96
N ALA D 61 -10.66 -16.47 0.50
CA ALA D 61 -9.96 -17.40 1.38
C ALA D 61 -8.49 -16.99 1.36
N LEU D 62 -8.04 -16.35 2.44
CA LEU D 62 -6.66 -15.93 2.51
C LEU D 62 -5.74 -17.13 2.52
N SER D 63 -4.60 -17.01 1.82
CA SER D 63 -3.51 -17.98 1.93
C SER D 63 -2.40 -17.46 2.84
N ALA D 64 -1.45 -18.34 3.15
CA ALA D 64 -0.28 -17.93 3.91
C ALA D 64 0.46 -16.79 3.19
N GLY D 65 0.66 -16.94 1.88
CA GLY D 65 1.32 -15.92 1.09
C GLY D 65 0.66 -14.56 1.21
N ASP D 66 -0.67 -14.56 1.37
CA ASP D 66 -1.43 -13.33 1.51
C ASP D 66 -1.04 -12.53 2.75
N LEU D 67 -0.35 -13.15 3.71
CA LEU D 67 0.07 -12.49 4.94
C LEU D 67 1.39 -11.75 4.80
N ALA D 68 2.08 -11.91 3.66
CA ALA D 68 3.43 -11.38 3.53
C ALA D 68 3.50 -9.87 3.64
N PRO D 69 2.61 -9.07 3.03
CA PRO D 69 2.70 -7.62 3.23
C PRO D 69 2.52 -7.19 4.69
N LEU D 70 1.56 -7.80 5.40
CA LEU D 70 1.37 -7.50 6.82
C LEU D 70 2.57 -7.92 7.67
N ALA D 71 3.13 -9.10 7.38
CA ALA D 71 4.30 -9.54 8.14
C ALA D 71 5.47 -8.60 7.90
N HIS D 72 5.66 -8.18 6.65
CA HIS D 72 6.69 -7.20 6.32
C HIS D 72 6.48 -5.90 7.09
N ALA D 73 5.25 -5.39 7.11
CA ALA D 73 4.99 -4.14 7.82
C ALA D 73 5.16 -4.31 9.33
N LEU D 74 4.77 -5.47 9.87
CA LEU D 74 4.97 -5.70 11.31
C LEU D 74 6.46 -5.75 11.64
N ALA D 75 7.27 -6.38 10.79
CA ALA D 75 8.71 -6.39 11.00
C ALA D 75 9.30 -4.98 10.87
N ASP D 76 8.77 -4.17 9.95
CA ASP D 76 9.22 -2.79 9.82
C ASP D 76 8.94 -2.02 11.10
N LEU D 77 7.77 -2.27 11.70
CA LEU D 77 7.39 -1.64 12.96
C LEU D 77 8.32 -2.05 14.10
N LEU D 78 8.60 -3.36 14.22
CA LEU D 78 9.66 -3.79 15.12
C LEU D 78 10.94 -3.01 14.87
N TYR D 79 11.26 -2.81 13.58
CA TYR D 79 12.56 -2.26 13.24
C TYR D 79 12.71 -0.84 13.77
N VAL D 80 11.67 -0.01 13.63
CA VAL D 80 11.77 1.36 14.12
C VAL D 80 11.54 1.47 15.62
N THR D 81 10.89 0.47 16.23
CA THR D 81 10.70 0.47 17.68
C THR D 81 12.01 0.12 18.38
N TYR D 82 12.64 -0.98 17.95
CA TYR D 82 14.02 -1.27 18.33
C TYR D 82 14.92 -0.08 18.03
N GLY D 83 14.76 0.52 16.86
CA GLY D 83 15.61 1.64 16.48
C GLY D 83 15.53 2.82 17.44
N ALA D 84 14.32 3.10 17.95
CA ALA D 84 14.20 4.15 18.95
C ALA D 84 15.01 3.80 20.20
N LEU D 85 14.88 2.57 20.68
CA LEU D 85 15.61 2.14 21.87
C LEU D 85 17.11 2.17 21.63
N ASP D 86 17.55 1.78 20.44
CA ASP D 86 18.98 1.81 20.14
C ASP D 86 19.52 3.24 20.15
N GLN D 87 18.79 4.19 19.56
CA GLN D 87 19.31 5.56 19.50
C GLN D 87 19.32 6.24 20.86
N LEU D 88 18.50 5.77 21.79
CA LEU D 88 18.51 6.21 23.19
C LEU D 88 19.62 5.55 24.00
N GLY D 89 20.42 4.66 23.40
CA GLY D 89 21.46 4.01 24.14
C GLY D 89 20.97 2.91 25.06
N ILE D 90 19.74 2.45 24.86
CA ILE D 90 19.07 1.55 25.79
C ILE D 90 19.00 0.18 25.16
N ASP D 91 19.67 -0.79 25.78
CA ASP D 91 19.59 -2.19 25.41
C ASP D 91 18.14 -2.66 25.40
N ALA D 92 17.57 -2.85 24.20
CA ALA D 92 16.17 -3.23 24.08
C ALA D 92 15.91 -4.60 24.68
N ASP D 93 16.87 -5.53 24.52
CA ASP D 93 16.70 -6.87 25.06
C ASP D 93 16.59 -6.84 26.57
N ALA D 94 17.43 -6.03 27.23
CA ALA D 94 17.35 -5.92 28.68
C ALA D 94 16.00 -5.37 29.13
N VAL D 95 15.45 -4.41 28.38
CA VAL D 95 14.14 -3.88 28.77
C VAL D 95 13.04 -4.86 28.44
N PHE D 96 13.13 -5.51 27.28
CA PHE D 96 12.15 -6.53 26.91
C PHE D 96 12.14 -7.66 27.92
N ALA D 97 13.32 -8.11 28.37
CA ALA D 97 13.38 -9.22 29.31
C ALA D 97 12.63 -8.90 30.59
N GLU D 98 12.78 -7.67 31.10
CA GLU D 98 12.08 -7.28 32.32
C GLU D 98 10.58 -7.20 32.08
N VAL D 99 10.18 -6.66 30.94
CA VAL D 99 8.76 -6.66 30.59
C VAL D 99 8.24 -8.09 30.49
N HIS D 100 8.98 -8.97 29.81
CA HIS D 100 8.56 -10.36 29.68
C HIS D 100 8.43 -11.03 31.05
N ARG D 101 9.40 -10.79 31.95
CA ARG D 101 9.34 -11.35 33.29
C ARG D 101 8.03 -11.02 33.97
N ALA D 102 7.60 -9.76 33.92
CA ALA D 102 6.37 -9.36 34.60
C ALA D 102 5.14 -9.94 33.92
N ASN D 103 5.06 -9.90 32.58
CA ASN D 103 3.90 -10.46 31.91
C ASN D 103 3.77 -11.96 32.17
N LEU D 104 4.89 -12.68 32.14
CA LEU D 104 4.85 -14.13 32.31
C LEU D 104 4.38 -14.48 33.71
N SER D 105 4.81 -13.75 34.72
CA SER D 105 4.31 -14.03 36.07
C SER D 105 3.04 -13.22 36.42
N PRO D 125 5.83 -6.72 38.60
CA PRO D 125 5.62 -5.46 37.86
C PRO D 125 6.93 -4.97 37.24
N ALA D 126 6.88 -4.50 35.99
CA ALA D 126 8.09 -4.20 35.25
C ALA D 126 8.77 -2.95 35.82
N ASP D 127 10.03 -3.08 36.21
CA ASP D 127 10.83 -1.99 36.76
C ASP D 127 11.83 -1.57 35.69
N VAL D 128 11.32 -0.81 34.71
CA VAL D 128 12.17 -0.38 33.61
C VAL D 128 13.14 0.70 34.08
N ARG D 129 12.71 1.54 35.02
CA ARG D 129 13.62 2.50 35.65
C ARG D 129 14.85 1.80 36.24
N GLY D 130 14.66 0.65 36.89
CA GLY D 130 15.79 -0.09 37.42
C GLY D 130 16.69 -0.64 36.33
N VAL D 131 16.12 -1.07 35.19
CA VAL D 131 16.92 -1.57 34.08
C VAL D 131 17.75 -0.45 33.47
N ILE D 132 17.15 0.74 33.29
CA ILE D 132 17.90 1.89 32.78
C ILE D 132 19.06 2.24 33.72
N GLU D 133 18.78 2.31 35.03
CA GLU D 133 19.83 2.62 36.00
C GLU D 133 20.97 1.62 35.90
N ARG D 134 20.65 0.34 35.77
CA ARG D 134 21.68 -0.69 35.72
C ARG D 134 22.45 -0.60 34.41
N LEU D 135 21.80 -0.12 33.35
CA LEU D 135 22.49 -0.02 32.06
C LEU D 135 23.49 1.12 32.02
N GLN D 136 23.33 2.11 32.89
CA GLN D 136 24.34 3.17 32.98
C GLN D 136 25.70 2.62 33.39
N HIS D 137 25.72 1.56 34.20
CA HIS D 137 26.99 0.98 34.69
C HIS D 137 27.41 -0.23 33.88
N1 UMP E . 14.53 2.35 8.49
C2 UMP E . 15.12 2.69 9.80
N3 UMP E . 15.75 4.03 9.98
C4 UMP E . 15.79 4.99 8.90
C5 UMP E . 15.21 4.63 7.58
C6 UMP E . 14.60 3.31 7.40
O2 UMP E . 15.09 1.91 10.69
O4 UMP E . 16.30 6.04 9.07
C1' UMP E . 13.94 1.02 8.29
C2' UMP E . 12.56 0.83 9.02
C3' UMP E . 11.83 -0.10 8.07
C4' UMP E . 12.19 0.34 6.85
O3' UMP E . 12.36 -1.47 8.27
O4' UMP E . 13.69 0.88 7.01
C5' UMP E . 11.34 1.50 6.41
O5' UMP E . 11.98 2.18 5.35
P UMP E . 11.02 2.88 4.18
OP1 UMP E . 11.87 3.86 3.39
OP2 UMP E . 9.88 3.64 4.78
OP3 UMP E . 10.47 1.82 3.28
N1 UMP F . -8.94 -7.19 -12.53
C2 UMP F . -10.15 -6.99 -13.34
N3 UMP F . -11.35 -7.82 -13.08
C4 UMP F . -11.36 -8.82 -12.03
C5 UMP F . -10.12 -9.02 -11.25
C6 UMP F . -8.93 -8.20 -11.51
O2 UMP F . -10.16 -6.18 -14.20
O4 UMP F . -12.32 -9.48 -11.83
C1' UMP F . -7.72 -6.43 -12.81
C2' UMP F . -7.82 -4.89 -12.48
C3' UMP F . -6.43 -4.58 -11.96
C4' UMP F . -6.08 -5.69 -11.28
O3' UMP F . -5.53 -4.36 -13.12
O4' UMP F . -6.74 -6.92 -12.08
C5' UMP F . -6.67 -5.66 -9.91
O5' UMP F . -6.53 -6.91 -9.30
P UMP F . -6.22 -7.04 -7.66
OP1 UMP F . -4.78 -6.70 -7.36
OP2 UMP F . -6.41 -8.47 -7.29
OP3 UMP F . -7.13 -6.10 -6.93
#